data_1SMO
#
_entry.id   1SMO
#
_cell.length_a   110.937
_cell.length_b   110.937
_cell.length_c   46.835
_cell.angle_alpha   90.00
_cell.angle_beta   90.00
_cell.angle_gamma   120.00
#
_symmetry.space_group_name_H-M   'P 61'
#
loop_
_entity.id
_entity.type
_entity.pdbx_description
1 polymer 'triggering receptor expressed on myeloid cells 1'
2 non-polymer 'L(+)-TARTARIC ACID'
3 water water
#
_entity_poly.entity_id   1
_entity_poly.type   'polypeptide(L)'
_entity_poly.pdbx_seq_one_letter_code
;ATKLTEEKYELKEGQTLDVKCDYTLEKFASSQKAWQIIRDGEMPKTLACTERPSKNSHPVQVGRIILEDYHDHGLLRVRM
VNLQVEDSGLYQCVIYQPPKEPHMLFDRIRLVVTKGFSG
;
_entity_poly.pdbx_strand_id   A,B
#
loop_
_chem_comp.id
_chem_comp.type
_chem_comp.name
_chem_comp.formula
TLA non-polymer 'L(+)-TARTARIC ACID' 'C4 H6 O6'
#
# COMPACT_ATOMS: atom_id res chain seq x y z
N ALA A 1 8.01 -1.93 12.14
CA ALA A 1 6.78 -1.33 12.73
C ALA A 1 5.60 -1.56 11.82
N THR A 2 4.42 -1.25 12.33
CA THR A 2 3.19 -1.33 11.57
C THR A 2 2.61 0.07 11.49
N LYS A 3 2.35 0.55 10.28
CA LYS A 3 1.87 1.91 10.03
C LYS A 3 0.85 1.88 8.89
N LEU A 4 -0.01 2.87 8.80
CA LEU A 4 -0.87 3.02 7.63
C LEU A 4 -0.06 3.16 6.34
N THR A 5 -0.58 2.58 5.28
CA THR A 5 -0.04 2.70 3.93
C THR A 5 -0.05 4.13 3.40
N GLU A 6 -1.07 4.89 3.79
CA GLU A 6 -1.18 6.28 3.37
C GLU A 6 -0.30 7.23 4.22
N GLU A 7 0.18 8.28 3.56
CA GLU A 7 0.90 9.39 4.20
C GLU A 7 0.07 10.64 3.94
N LYS A 8 -0.16 11.43 4.99
CA LYS A 8 -1.07 12.58 4.93
C LYS A 8 -0.34 13.85 4.51
N TYR A 9 -0.95 14.56 3.56
CA TYR A 9 -0.44 15.84 3.06
C TYR A 9 -1.54 16.88 3.24
N GLU A 10 -1.31 17.83 4.14
CA GLU A 10 -2.25 18.94 4.36
C GLU A 10 -1.69 20.18 3.70
N LEU A 11 -2.39 20.66 2.67
CA LEU A 11 -1.97 21.82 1.87
C LEU A 11 -3.13 22.81 1.67
N LYS A 12 -2.82 23.99 1.15
CA LYS A 12 -3.81 25.05 0.96
C LYS A 12 -4.09 25.28 -0.51
N GLU A 13 -5.27 25.81 -0.82
CA GLU A 13 -5.63 26.16 -2.19
C GLU A 13 -4.48 26.97 -2.79
N GLY A 14 -4.08 26.65 -4.01
CA GLY A 14 -3.06 27.41 -4.71
C GLY A 14 -1.67 26.81 -4.66
N GLN A 15 -1.45 25.90 -3.71
CA GLN A 15 -0.15 25.27 -3.51
C GLN A 15 -0.01 24.06 -4.43
N THR A 16 1.18 23.47 -4.41
CA THR A 16 1.48 22.33 -5.26
C THR A 16 1.79 21.10 -4.40
N LEU A 17 1.11 20.00 -4.69
CA LEU A 17 1.49 18.69 -4.16
C LEU A 17 2.65 18.18 -5.00
N ASP A 18 3.74 17.79 -4.35
CA ASP A 18 4.94 17.30 -5.01
C ASP A 18 5.42 16.06 -4.26
N VAL A 19 5.21 14.88 -4.85
CA VAL A 19 5.58 13.62 -4.18
C VAL A 19 6.41 12.73 -5.09
N LYS A 20 7.18 11.82 -4.47
CA LYS A 20 7.97 10.83 -5.17
C LYS A 20 7.48 9.42 -4.80
N CYS A 21 7.52 8.56 -5.80
CA CYS A 21 7.15 7.15 -5.66
C CYS A 21 8.33 6.32 -6.19
N ASP A 22 9.11 5.77 -5.27
CA ASP A 22 10.24 4.91 -5.60
C ASP A 22 9.81 3.58 -6.17
N TYR A 23 10.57 3.08 -7.15
CA TYR A 23 10.36 1.74 -7.68
C TYR A 23 11.67 1.05 -8.05
N THR A 24 11.60 -0.25 -8.27
CA THR A 24 12.79 -1.01 -8.63
C THR A 24 13.15 -0.79 -10.08
N LEU A 25 14.23 -0.05 -10.31
CA LEU A 25 14.58 0.40 -11.66
C LEU A 25 14.73 -0.77 -12.66
N GLU A 26 15.42 -1.82 -12.23
CA GLU A 26 15.77 -2.90 -13.13
C GLU A 26 14.56 -3.72 -13.56
N LYS A 27 13.48 -3.64 -12.79
CA LYS A 27 12.23 -4.30 -13.16
C LYS A 27 11.27 -3.44 -13.96
N PHE A 28 11.23 -2.13 -13.70
CA PHE A 28 10.07 -1.34 -14.11
C PHE A 28 10.37 -0.06 -14.88
N ALA A 29 11.63 0.23 -15.21
CA ALA A 29 11.96 1.52 -15.86
C ALA A 29 11.05 1.84 -17.03
N SER A 30 10.88 0.88 -17.94
CA SER A 30 10.13 1.13 -19.17
C SER A 30 8.63 0.88 -19.03
N SER A 31 8.21 0.32 -17.90
CA SER A 31 6.79 0.04 -17.65
C SER A 31 5.97 1.31 -17.61
N GLN A 32 4.75 1.25 -18.16
CA GLN A 32 3.81 2.34 -18.06
C GLN A 32 3.37 2.50 -16.60
N LYS A 33 3.26 3.73 -16.14
CA LYS A 33 2.93 4.05 -14.75
C LYS A 33 1.82 5.08 -14.69
N ALA A 34 1.14 5.15 -13.57
CA ALA A 34 -0.05 6.00 -13.47
C ALA A 34 -0.27 6.55 -12.09
N TRP A 35 -0.94 7.70 -12.05
CA TRP A 35 -1.42 8.33 -10.85
C TRP A 35 -2.92 8.13 -10.81
N GLN A 36 -3.41 7.50 -9.74
CA GLN A 36 -4.83 7.12 -9.63
C GLN A 36 -5.48 7.70 -8.39
N ILE A 37 -6.76 8.00 -8.52
CA ILE A 37 -7.59 8.37 -7.35
C ILE A 37 -8.46 7.19 -6.93
N ILE A 38 -8.61 7.02 -5.61
CA ILE A 38 -9.30 5.90 -5.00
C ILE A 38 -10.59 6.43 -4.36
N ARG A 39 -11.71 6.21 -5.02
CA ARG A 39 -13.02 6.69 -4.56
C ARG A 39 -13.78 5.52 -4.05
N ASP A 40 -14.63 5.79 -3.07
CA ASP A 40 -15.34 4.72 -2.37
C ASP A 40 -16.33 4.01 -3.29
N GLY A 41 -16.26 2.68 -3.32
CA GLY A 41 -17.12 1.87 -4.16
C GLY A 41 -16.79 1.80 -5.64
N GLU A 42 -15.65 2.38 -6.05
CA GLU A 42 -15.24 2.41 -7.47
C GLU A 42 -13.85 1.80 -7.64
N MET A 43 -13.53 1.34 -8.84
CA MET A 43 -12.17 0.89 -9.10
C MET A 43 -11.24 2.11 -9.06
N PRO A 44 -9.99 1.94 -8.64
CA PRO A 44 -9.04 3.04 -8.74
C PRO A 44 -9.08 3.59 -10.17
N LYS A 45 -8.95 4.91 -10.31
CA LYS A 45 -9.13 5.58 -11.58
C LYS A 45 -7.87 6.36 -11.95
N THR A 46 -7.22 5.96 -13.04
CA THR A 46 -6.09 6.69 -13.58
C THR A 46 -6.49 8.09 -14.07
N LEU A 47 -5.82 9.09 -13.51
CA LEU A 47 -6.00 10.50 -13.92
C LEU A 47 -4.93 10.94 -14.89
N ALA A 48 -3.74 10.34 -14.79
CA ALA A 48 -2.65 10.61 -15.72
C ALA A 48 -1.74 9.41 -15.76
N CYS A 49 -1.20 9.12 -16.92
CA CYS A 49 -0.24 8.03 -17.05
C CYS A 49 0.92 8.44 -17.93
N THR A 50 2.03 7.75 -17.75
CA THR A 50 3.17 7.85 -18.65
C THR A 50 2.82 7.27 -20.01
N GLU A 51 3.71 7.47 -20.97
CA GLU A 51 3.62 6.74 -22.20
C GLU A 51 3.96 5.27 -21.97
N ARG A 52 3.80 4.46 -23.02
CA ARG A 52 4.16 3.06 -23.04
C ARG A 52 5.04 2.84 -24.24
N PRO A 53 6.36 2.63 -24.08
CA PRO A 53 7.06 2.57 -22.80
C PRO A 53 7.24 3.96 -22.18
N SER A 54 7.51 3.99 -20.88
CA SER A 54 7.71 5.24 -20.18
C SER A 54 9.02 5.92 -20.56
N LYS A 55 8.98 7.20 -20.92
CA LYS A 55 10.19 7.92 -21.33
C LYS A 55 10.96 8.44 -20.12
N ASN A 56 12.28 8.43 -20.22
CA ASN A 56 13.15 9.04 -19.23
C ASN A 56 12.89 10.54 -19.12
N SER A 57 12.39 10.97 -17.98
CA SER A 57 12.33 12.38 -17.55
C SER A 57 11.26 13.27 -18.22
N HIS A 58 11.01 13.13 -19.53
CA HIS A 58 10.09 14.01 -20.22
C HIS A 58 8.76 14.13 -19.47
N PRO A 59 8.37 15.33 -19.01
CA PRO A 59 7.10 15.47 -18.28
C PRO A 59 5.87 15.13 -19.11
N VAL A 60 4.92 14.38 -18.53
CA VAL A 60 3.59 14.22 -19.10
C VAL A 60 2.65 15.08 -18.29
N GLN A 61 1.91 15.93 -18.98
CA GLN A 61 1.01 16.87 -18.32
C GLN A 61 -0.43 16.62 -18.77
N VAL A 62 -1.29 16.39 -17.80
CA VAL A 62 -2.73 16.21 -18.04
C VAL A 62 -3.43 17.16 -17.10
N GLY A 63 -4.08 18.20 -17.63
CA GLY A 63 -4.62 19.23 -16.78
C GLY A 63 -3.54 19.80 -15.86
N ARG A 64 -3.78 19.75 -14.56
CA ARG A 64 -2.86 20.26 -13.56
C ARG A 64 -1.92 19.20 -12.97
N ILE A 65 -1.90 18.01 -13.57
CA ILE A 65 -1.04 16.92 -13.10
C ILE A 65 0.22 16.84 -13.95
N ILE A 66 1.38 16.68 -13.32
CA ILE A 66 2.65 16.55 -14.03
C ILE A 66 3.34 15.26 -13.55
N LEU A 67 3.58 14.33 -14.47
CA LEU A 67 4.32 13.09 -14.18
C LEU A 67 5.70 13.15 -14.78
N GLU A 68 6.72 12.74 -14.01
CA GLU A 68 8.09 12.60 -14.49
C GLU A 68 8.69 11.30 -14.01
N ASP A 69 9.26 10.52 -14.93
CA ASP A 69 9.84 9.20 -14.61
C ASP A 69 11.36 9.27 -14.71
N TYR A 70 12.04 9.32 -13.58
CA TYR A 70 13.49 9.44 -13.55
C TYR A 70 14.16 8.06 -13.58
N HIS A 71 14.82 7.77 -14.70
CA HIS A 71 15.48 6.46 -14.89
C HIS A 71 16.91 6.35 -14.38
N ASP A 72 17.43 7.42 -13.78
CA ASP A 72 18.70 7.32 -13.09
C ASP A 72 18.59 6.46 -11.84
N HIS A 73 17.50 6.64 -11.08
CA HIS A 73 17.34 5.96 -9.81
C HIS A 73 16.04 5.17 -9.68
N GLY A 74 15.14 5.34 -10.63
CA GLY A 74 13.85 4.67 -10.58
C GLY A 74 12.91 5.35 -9.62
N LEU A 75 12.42 6.50 -10.03
CA LEU A 75 11.48 7.24 -9.21
C LEU A 75 10.49 7.96 -10.09
N LEU A 76 9.22 7.81 -9.75
CA LEU A 76 8.13 8.52 -10.41
C LEU A 76 7.74 9.71 -9.56
N ARG A 77 7.91 10.91 -10.12
CA ARG A 77 7.53 12.16 -9.46
C ARG A 77 6.16 12.59 -9.96
N VAL A 78 5.28 12.94 -9.03
CA VAL A 78 3.96 13.46 -9.35
C VAL A 78 3.77 14.81 -8.71
N ARG A 79 3.35 15.76 -9.52
CA ARG A 79 2.89 17.05 -9.03
C ARG A 79 1.41 17.26 -9.39
N MET A 80 0.69 17.88 -8.47
CA MET A 80 -0.61 18.47 -8.75
C MET A 80 -0.50 19.95 -8.41
N VAL A 81 -0.53 20.79 -9.42
CA VAL A 81 -0.36 22.24 -9.24
C VAL A 81 -1.69 22.96 -9.02
N ASN A 82 -1.60 24.17 -8.47
CA ASN A 82 -2.76 25.04 -8.27
C ASN A 82 -3.91 24.29 -7.61
N LEU A 83 -3.63 23.73 -6.43
CA LEU A 83 -4.54 22.83 -5.75
C LEU A 83 -5.87 23.49 -5.41
N GLN A 84 -6.93 22.70 -5.51
CA GLN A 84 -8.29 23.12 -5.18
C GLN A 84 -8.80 22.23 -4.05
N VAL A 85 -9.79 22.73 -3.31
CA VAL A 85 -10.40 21.94 -2.25
C VAL A 85 -10.94 20.59 -2.77
N GLU A 86 -11.50 20.62 -3.97
CA GLU A 86 -12.09 19.44 -4.58
C GLU A 86 -11.06 18.36 -5.00
N ASP A 87 -9.77 18.69 -4.96
CA ASP A 87 -8.70 17.72 -5.20
C ASP A 87 -8.50 16.78 -4.01
N SER A 88 -9.05 17.13 -2.85
CA SER A 88 -8.88 16.31 -1.66
C SER A 88 -9.33 14.88 -1.95
N GLY A 89 -8.55 13.92 -1.47
CA GLY A 89 -8.86 12.51 -1.67
C GLY A 89 -7.66 11.61 -1.43
N LEU A 90 -7.80 10.35 -1.82
CA LEU A 90 -6.78 9.33 -1.60
C LEU A 90 -6.25 8.92 -2.96
N TYR A 91 -4.94 8.95 -3.09
CA TYR A 91 -4.28 8.73 -4.37
C TYR A 91 -3.20 7.68 -4.25
N GLN A 92 -2.87 7.07 -5.39
CA GLN A 92 -1.74 6.13 -5.45
C GLN A 92 -1.04 6.19 -6.80
N CYS A 93 0.25 5.91 -6.76
CA CYS A 93 1.05 5.59 -7.93
C CYS A 93 1.02 4.09 -8.16
N VAL A 94 0.81 3.66 -9.39
CA VAL A 94 0.90 2.24 -9.77
C VAL A 94 1.74 2.03 -11.00
N ILE A 95 2.26 0.81 -11.12
CA ILE A 95 2.97 0.37 -12.31
C ILE A 95 2.10 -0.67 -13.00
N TYR A 96 1.78 -0.46 -14.26
CA TYR A 96 1.02 -1.44 -15.00
C TYR A 96 1.88 -2.64 -15.33
N GLN A 97 1.30 -3.84 -15.21
CA GLN A 97 1.99 -5.10 -15.47
C GLN A 97 0.98 -6.13 -15.96
N PRO A 98 0.28 -5.83 -17.05
CA PRO A 98 -0.79 -6.75 -17.49
C PRO A 98 -0.21 -8.13 -17.84
N PRO A 99 -0.93 -9.23 -17.60
CA PRO A 99 -2.32 -9.26 -17.12
C PRO A 99 -2.54 -9.20 -15.60
N LYS A 100 -1.48 -9.01 -14.82
CA LYS A 100 -1.63 -8.83 -13.38
C LYS A 100 -2.32 -7.52 -13.05
N GLU A 101 -2.79 -7.41 -11.82
CA GLU A 101 -3.33 -6.14 -11.33
C GLU A 101 -2.19 -5.13 -11.25
N PRO A 102 -2.47 -3.84 -11.42
CA PRO A 102 -1.39 -2.86 -11.26
C PRO A 102 -0.71 -2.98 -9.90
N HIS A 103 0.59 -2.74 -9.89
CA HIS A 103 1.35 -2.82 -8.67
C HIS A 103 1.49 -1.45 -8.01
N MET A 104 1.00 -1.32 -6.80
CA MET A 104 1.02 -0.07 -6.08
C MET A 104 2.40 0.21 -5.51
N LEU A 105 2.90 1.43 -5.72
CA LEU A 105 4.10 1.90 -5.05
C LEU A 105 3.77 2.58 -3.76
N PHE A 106 4.61 2.40 -2.75
CA PHE A 106 4.42 3.10 -1.49
C PHE A 106 5.02 4.51 -1.61
N ASP A 107 4.50 5.50 -0.89
CA ASP A 107 3.31 5.44 -0.06
C ASP A 107 2.08 5.98 -0.81
N ARG A 108 0.90 5.55 -0.39
CA ARG A 108 -0.32 6.20 -0.83
C ARG A 108 -0.37 7.62 -0.27
N ILE A 109 -1.13 8.48 -0.91
CA ILE A 109 -1.19 9.90 -0.58
C ILE A 109 -2.61 10.29 -0.15
N ARG A 110 -2.73 10.68 1.11
CA ARG A 110 -3.97 11.20 1.65
C ARG A 110 -3.87 12.72 1.57
N LEU A 111 -4.50 13.30 0.55
CA LEU A 111 -4.43 14.74 0.29
C LEU A 111 -5.61 15.46 0.90
N VAL A 112 -5.33 16.51 1.67
CA VAL A 112 -6.36 17.35 2.28
C VAL A 112 -6.05 18.80 1.93
N VAL A 113 -6.89 19.40 1.09
CA VAL A 113 -6.70 20.78 0.64
C VAL A 113 -7.75 21.69 1.26
N GLU B 6 0.41 -0.47 19.97
CA GLU B 6 -0.78 0.21 20.56
C GLU B 6 -1.28 1.39 19.70
N GLU B 7 -0.80 1.48 18.46
CA GLU B 7 -1.47 2.28 17.44
C GLU B 7 -2.89 1.75 17.33
N LYS B 8 -3.86 2.65 17.26
CA LYS B 8 -5.28 2.32 17.18
C LYS B 8 -5.90 3.02 15.97
N TYR B 9 -6.60 2.26 15.13
CA TYR B 9 -7.23 2.79 13.94
C TYR B 9 -8.74 2.64 14.07
N GLU B 10 -9.45 3.76 13.96
CA GLU B 10 -10.90 3.81 14.04
C GLU B 10 -11.43 3.96 12.63
N LEU B 11 -12.17 2.96 12.17
CA LEU B 11 -12.79 2.97 10.86
C LEU B 11 -14.28 2.61 10.92
N LYS B 12 -15.01 2.88 9.83
CA LYS B 12 -16.44 2.59 9.75
C LYS B 12 -16.67 1.35 8.93
N GLU B 13 -17.82 0.72 9.11
CA GLU B 13 -18.18 -0.43 8.30
C GLU B 13 -18.10 -0.06 6.83
N GLY B 14 -17.56 -0.96 6.05
CA GLY B 14 -17.45 -0.78 4.62
C GLY B 14 -16.12 -0.21 4.16
N GLN B 15 -15.37 0.37 5.08
CA GLN B 15 -14.06 0.93 4.77
C GLN B 15 -13.00 -0.17 4.73
N THR B 16 -11.77 0.21 4.37
CA THR B 16 -10.64 -0.72 4.25
C THR B 16 -9.51 -0.25 5.17
N LEU B 17 -8.95 -1.18 5.95
CA LEU B 17 -7.71 -0.95 6.66
C LEU B 17 -6.57 -1.35 5.74
N ASP B 18 -5.58 -0.48 5.60
CA ASP B 18 -4.45 -0.71 4.67
C ASP B 18 -3.19 -0.29 5.43
N VAL B 19 -2.38 -1.30 5.81
CA VAL B 19 -1.18 -1.09 6.58
C VAL B 19 0.03 -1.79 5.94
N LYS B 20 1.19 -1.35 6.37
CA LYS B 20 2.47 -1.95 6.02
C LYS B 20 3.24 -2.36 7.26
N CYS B 21 3.74 -3.58 7.26
CA CYS B 21 4.54 -4.13 8.35
C CYS B 21 5.97 -4.27 7.83
N ASP B 22 6.91 -3.51 8.37
CA ASP B 22 8.27 -3.63 7.86
C ASP B 22 9.02 -4.82 8.51
N TYR B 23 9.92 -5.40 7.73
CA TYR B 23 10.78 -6.49 8.19
C TYR B 23 12.17 -6.35 7.55
N THR B 24 13.13 -7.07 8.11
CA THR B 24 14.50 -7.03 7.62
C THR B 24 14.58 -7.84 6.33
N LEU B 25 14.71 -7.12 5.23
CA LEU B 25 14.68 -7.68 3.88
C LEU B 25 15.68 -8.84 3.71
N GLU B 26 16.89 -8.65 4.21
CA GLU B 26 17.97 -9.60 3.98
C GLU B 26 17.79 -10.88 4.81
N LYS B 27 16.95 -10.82 5.84
CA LYS B 27 16.66 -11.99 6.65
C LYS B 27 15.33 -12.67 6.28
N PHE B 28 14.30 -11.91 5.91
CA PHE B 28 12.95 -12.48 5.91
C PHE B 28 12.17 -12.37 4.60
N ALA B 29 12.77 -11.83 3.54
CA ALA B 29 11.99 -11.62 2.31
C ALA B 29 11.22 -12.86 1.86
N SER B 30 11.84 -14.02 1.80
CA SER B 30 11.10 -15.19 1.31
C SER B 30 10.50 -16.07 2.41
N SER B 31 10.66 -15.66 3.67
CA SER B 31 9.99 -16.36 4.76
C SER B 31 8.48 -16.28 4.62
N GLN B 32 7.80 -17.35 4.99
CA GLN B 32 6.33 -17.33 5.05
C GLN B 32 5.91 -16.34 6.14
N LYS B 33 4.85 -15.59 5.86
CA LYS B 33 4.35 -14.56 6.78
C LYS B 33 2.85 -14.68 6.97
N ALA B 34 2.37 -14.15 8.08
CA ALA B 34 0.94 -14.27 8.41
C ALA B 34 0.41 -13.07 9.15
N TRP B 35 -0.90 -12.88 9.05
CA TRP B 35 -1.65 -11.86 9.79
C TRP B 35 -2.51 -12.58 10.80
N GLN B 36 -2.40 -12.16 12.05
CA GLN B 36 -3.07 -12.82 13.17
C GLN B 36 -3.92 -11.87 14.00
N ILE B 37 -5.04 -12.37 14.53
CA ILE B 37 -5.78 -11.67 15.57
C ILE B 37 -5.38 -12.25 16.94
N ILE B 38 -5.28 -11.41 17.97
CA ILE B 38 -4.93 -11.85 19.33
C ILE B 38 -6.23 -12.04 20.10
N ARG B 39 -6.53 -13.28 20.40
CA ARG B 39 -7.76 -13.58 21.11
C ARG B 39 -7.52 -13.67 22.62
N ASP B 40 -8.61 -13.77 23.35
CA ASP B 40 -8.63 -13.84 24.81
C ASP B 40 -7.48 -14.72 25.32
N GLY B 41 -6.77 -14.27 26.35
CA GLY B 41 -5.65 -15.03 26.90
C GLY B 41 -4.35 -14.96 26.11
N GLU B 42 -4.22 -13.95 25.26
CA GLU B 42 -3.01 -13.73 24.46
C GLU B 42 -2.75 -14.96 23.55
N MET B 43 -3.82 -15.44 22.92
CA MET B 43 -3.79 -16.60 22.02
C MET B 43 -3.97 -16.18 20.57
N PRO B 44 -2.90 -16.09 19.80
CA PRO B 44 -3.03 -15.67 18.39
C PRO B 44 -3.77 -16.68 17.54
N LYS B 45 -4.53 -16.18 16.56
CA LYS B 45 -5.16 -16.98 15.53
C LYS B 45 -4.77 -16.39 14.16
N THR B 46 -4.20 -17.24 13.30
CA THR B 46 -3.82 -16.85 11.95
C THR B 46 -5.07 -16.75 11.07
N LEU B 47 -5.25 -15.60 10.44
CA LEU B 47 -6.38 -15.39 9.54
C LEU B 47 -5.98 -15.46 8.07
N ALA B 48 -4.72 -15.18 7.76
CA ALA B 48 -4.23 -15.26 6.37
C ALA B 48 -2.73 -15.48 6.40
N CYS B 49 -2.22 -16.30 5.49
CA CYS B 49 -0.79 -16.49 5.40
C CYS B 49 -0.35 -16.55 3.93
N THR B 50 0.91 -16.24 3.71
CA THR B 50 1.51 -16.36 2.37
C THR B 50 1.83 -17.83 2.10
N GLU B 51 2.31 -18.09 0.87
CA GLU B 51 2.92 -19.38 0.56
C GLU B 51 4.29 -19.48 1.23
N ARG B 52 4.86 -20.67 1.12
CA ARG B 52 6.19 -20.98 1.62
C ARG B 52 6.97 -21.50 0.40
N PRO B 53 7.99 -20.78 -0.09
CA PRO B 53 8.39 -19.44 0.36
C PRO B 53 7.35 -18.41 -0.04
N SER B 54 7.42 -17.22 0.58
CA SER B 54 6.54 -16.13 0.16
C SER B 54 6.89 -15.64 -1.24
N LYS B 55 5.88 -15.53 -2.09
CA LYS B 55 6.07 -15.01 -3.43
C LYS B 55 6.10 -13.47 -3.39
N ASN B 56 7.06 -12.89 -4.10
CA ASN B 56 7.12 -11.43 -4.26
C ASN B 56 5.87 -10.90 -4.99
N SER B 57 5.23 -9.90 -4.39
CA SER B 57 4.16 -9.07 -4.96
C SER B 57 2.73 -9.65 -5.09
N HIS B 58 2.62 -10.93 -5.42
CA HIS B 58 1.33 -11.59 -5.69
C HIS B 58 0.30 -11.36 -4.58
N PRO B 59 -0.85 -10.74 -4.87
CA PRO B 59 -1.88 -10.58 -3.86
C PRO B 59 -2.48 -11.93 -3.45
N VAL B 60 -2.36 -12.22 -2.16
CA VAL B 60 -2.92 -13.38 -1.50
C VAL B 60 -4.20 -12.93 -0.83
N GLN B 61 -5.37 -13.37 -1.31
CA GLN B 61 -6.63 -12.99 -0.67
C GLN B 61 -7.29 -14.18 0.02
N VAL B 62 -7.54 -14.02 1.32
CA VAL B 62 -8.21 -15.00 2.16
C VAL B 62 -9.37 -14.29 2.84
N GLY B 63 -10.60 -14.63 2.47
CA GLY B 63 -11.76 -13.88 2.93
C GLY B 63 -11.63 -12.44 2.50
N ARG B 64 -11.72 -11.52 3.46
CA ARG B 64 -11.60 -10.09 3.24
C ARG B 64 -10.21 -9.51 3.58
N ILE B 65 -9.21 -10.39 3.66
CA ILE B 65 -7.84 -9.99 3.93
C ILE B 65 -6.98 -10.22 2.68
N ILE B 66 -6.19 -9.22 2.31
CA ILE B 66 -5.27 -9.32 1.18
C ILE B 66 -3.85 -9.04 1.67
N LEU B 67 -2.94 -10.00 1.49
CA LEU B 67 -1.52 -9.86 1.78
C LEU B 67 -0.72 -9.64 0.51
N GLU B 68 0.24 -8.75 0.54
CA GLU B 68 1.12 -8.50 -0.63
C GLU B 68 2.52 -8.30 -0.04
N ASP B 69 3.47 -9.18 -0.37
CA ASP B 69 4.81 -9.13 0.18
C ASP B 69 5.73 -8.38 -0.79
N TYR B 70 6.19 -7.20 -0.38
CA TYR B 70 7.02 -6.34 -1.22
C TYR B 70 8.47 -6.67 -0.90
N HIS B 71 9.00 -7.70 -1.55
CA HIS B 71 10.35 -8.14 -1.23
C HIS B 71 11.42 -7.08 -1.41
N ASP B 72 11.30 -6.24 -2.43
CA ASP B 72 12.36 -5.24 -2.67
C ASP B 72 12.34 -4.10 -1.67
N HIS B 73 11.24 -3.91 -0.95
CA HIS B 73 11.14 -2.85 0.04
C HIS B 73 11.03 -3.32 1.48
N GLY B 74 11.12 -4.62 1.72
CA GLY B 74 11.12 -5.11 3.08
C GLY B 74 9.84 -4.82 3.84
N LEU B 75 8.71 -5.01 3.19
CA LEU B 75 7.47 -4.89 3.91
C LEU B 75 6.38 -5.77 3.42
N LEU B 76 5.51 -6.11 4.34
CA LEU B 76 4.29 -6.86 4.07
C LEU B 76 3.12 -5.89 4.14
N ARG B 77 2.37 -5.77 3.05
CA ARG B 77 1.18 -4.95 3.05
C ARG B 77 -0.01 -5.84 3.40
N VAL B 78 -0.84 -5.33 4.30
CA VAL B 78 -2.07 -6.00 4.70
C VAL B 78 -3.27 -5.08 4.48
N ARG B 79 -4.25 -5.58 3.74
CA ARG B 79 -5.53 -4.92 3.59
C ARG B 79 -6.64 -5.77 4.21
N MET B 80 -7.51 -5.13 4.97
CA MET B 80 -8.74 -5.73 5.46
C MET B 80 -9.85 -4.91 4.83
N VAL B 81 -10.53 -5.49 3.84
CA VAL B 81 -11.53 -4.78 3.05
C VAL B 81 -12.93 -5.00 3.58
N ASN B 82 -13.84 -4.13 3.15
CA ASN B 82 -15.26 -4.20 3.49
C ASN B 82 -15.46 -4.54 4.97
N LEU B 83 -14.89 -3.67 5.79
CA LEU B 83 -14.81 -3.91 7.24
C LEU B 83 -16.19 -4.05 7.88
N GLN B 84 -16.25 -4.92 8.89
CA GLN B 84 -17.44 -5.20 9.70
C GLN B 84 -17.10 -4.96 11.17
N VAL B 85 -18.12 -4.66 11.98
CA VAL B 85 -17.89 -4.37 13.40
C VAL B 85 -17.18 -5.54 14.08
N GLU B 86 -17.50 -6.76 13.68
CA GLU B 86 -16.94 -7.94 14.30
C GLU B 86 -15.47 -8.22 13.89
N ASP B 87 -14.93 -7.40 12.99
CA ASP B 87 -13.48 -7.40 12.72
C ASP B 87 -12.66 -6.69 13.80
N SER B 88 -13.32 -5.97 14.70
CA SER B 88 -12.58 -5.23 15.71
C SER B 88 -11.75 -6.16 16.60
N GLY B 89 -10.52 -5.75 16.86
CA GLY B 89 -9.61 -6.50 17.69
C GLY B 89 -8.18 -6.04 17.58
N LEU B 90 -7.32 -6.84 18.19
CA LEU B 90 -5.86 -6.66 18.21
C LEU B 90 -5.25 -7.58 17.16
N TYR B 91 -4.37 -7.02 16.32
CA TYR B 91 -3.75 -7.76 15.21
C TYR B 91 -2.23 -7.60 15.17
N GLN B 92 -1.57 -8.57 14.54
CA GLN B 92 -0.12 -8.50 14.31
C GLN B 92 0.29 -9.27 13.07
N CYS B 93 1.37 -8.80 12.45
CA CYS B 93 2.12 -9.54 11.45
C CYS B 93 3.18 -10.43 12.14
N VAL B 94 3.35 -11.65 11.65
CA VAL B 94 4.39 -12.55 12.14
C VAL B 94 5.11 -13.25 10.97
N ILE B 95 6.31 -13.75 11.28
CA ILE B 95 7.02 -14.68 10.41
C ILE B 95 6.60 -16.07 10.85
N TYR B 96 6.04 -16.81 9.92
CA TYR B 96 5.31 -18.05 10.18
C TYR B 96 6.28 -19.13 9.85
N GLN B 97 6.60 -19.96 10.83
CA GLN B 97 7.71 -20.90 10.73
C GLN B 97 7.49 -22.24 11.46
N PRO B 98 6.33 -22.86 11.27
CA PRO B 98 6.04 -24.12 11.97
C PRO B 98 7.13 -25.19 11.69
N PRO B 99 7.49 -26.06 12.65
CA PRO B 99 6.85 -26.22 13.97
C PRO B 99 7.36 -25.35 15.15
N LYS B 100 8.20 -24.35 14.89
CA LYS B 100 8.58 -23.37 15.93
C LYS B 100 7.46 -22.34 16.05
N GLU B 101 7.32 -21.69 17.20
CA GLU B 101 6.44 -20.54 17.36
C GLU B 101 6.78 -19.41 16.37
N PRO B 102 5.78 -18.73 15.83
CA PRO B 102 6.06 -17.60 14.94
C PRO B 102 6.94 -16.53 15.58
N HIS B 103 7.68 -15.83 14.73
CA HIS B 103 8.40 -14.64 15.18
C HIS B 103 7.53 -13.39 14.97
N MET B 104 7.17 -12.70 16.05
CA MET B 104 6.43 -11.43 15.94
C MET B 104 7.31 -10.38 15.30
N LEU B 105 6.83 -9.64 14.31
CA LEU B 105 7.73 -8.73 13.58
C LEU B 105 8.17 -7.52 14.38
N PHE B 106 7.22 -6.81 14.97
CA PHE B 106 7.59 -5.74 15.91
C PHE B 106 6.50 -5.49 16.91
N ASP B 107 5.30 -5.24 16.42
CA ASP B 107 4.24 -4.70 17.25
C ASP B 107 2.87 -5.27 16.89
N ARG B 108 1.90 -4.89 17.70
CA ARG B 108 0.48 -5.15 17.46
C ARG B 108 -0.18 -3.80 17.21
N ILE B 109 -1.33 -3.86 16.55
CA ILE B 109 -2.20 -2.70 16.41
C ILE B 109 -3.61 -3.05 16.85
N ARG B 110 -4.40 -2.04 17.21
CA ARG B 110 -5.82 -2.23 17.49
C ARG B 110 -6.68 -1.61 16.41
N LEU B 111 -7.62 -2.40 15.91
CA LEU B 111 -8.59 -1.94 14.92
C LEU B 111 -9.96 -1.87 15.59
N VAL B 112 -10.63 -0.75 15.41
CA VAL B 112 -11.98 -0.53 15.92
C VAL B 112 -12.86 -0.16 14.74
N VAL B 113 -13.85 -0.99 14.47
CA VAL B 113 -14.82 -0.77 13.38
C VAL B 113 -16.21 -0.53 13.99
N THR B 114 -16.83 0.60 13.68
CA THR B 114 -18.18 0.92 14.15
C THR B 114 -19.12 1.19 12.96
N LYS B 115 -20.41 1.14 13.21
CA LYS B 115 -21.42 1.53 12.24
C LYS B 115 -21.60 3.04 12.33
O1 TLA C . 7.56 -3.19 -4.67
O11 TLA C . 9.04 -4.13 -3.31
C1 TLA C . 8.23 -4.17 -4.35
C2 TLA C . 8.15 -5.44 -5.11
O2 TLA C . 9.21 -6.34 -4.77
C3 TLA C . 8.26 -5.01 -6.56
O3 TLA C . 9.56 -4.45 -6.76
C4 TLA C . 7.95 -6.16 -7.47
O4 TLA C . 8.83 -6.84 -7.95
O41 TLA C . 6.68 -6.40 -7.74
#